data_4IDC
#
_entry.id   4IDC
#
_cell.length_a   70.241
_cell.length_b   70.241
_cell.length_c   174.984
_cell.angle_alpha   90.000
_cell.angle_beta   90.000
_cell.angle_gamma   90.000
#
_symmetry.space_group_name_H-M   'P 43 21 2'
#
loop_
_entity.id
_entity.type
_entity.pdbx_description
1 polymer 'Ripening-induced protein'
2 non-polymer 'NADPH DIHYDRO-NICOTINAMIDE-ADENINE-DINUCLEOTIDE PHOSPHATE'
3 non-polymer (2R)-4-hydroxy-2,5-dimethylfuran-3(2H)-one
4 non-polymer 'SULFATE ION'
5 non-polymer 1,2-ETHANEDIOL
6 water water
#
_entity_poly.entity_id   1
_entity_poly.type   'polypeptide(L)'
_entity_poly.pdbx_seq_one_letter_code
;MASWSHPQFEKGAAAPSESIPSVNKAWVYSEYGKTSDVLKFDPSVAVPEIKEDQVLIKVVAASLNPVDFKRALGYFKDTD
SPLPTIPGYDVAGVVVKVGSQVTKFKVGDEVYGDLNETALVNPTRFGSLAEYTAADERVLAHKPKNLSFIEAASLPLAIE
TAHEGLERAELSAGKSVLVLGGAGGVGTHIIQLAKHVFGASKVAATASTKKLDLLRTLGADLAIDYTKENFEDLPEKFDV
VYDAVGETDKAVKAVKEGGKVVTIVGPATPPAILFVLTSKGSVLEKLKPYLESGKVKPVLDPTSPYPFTKVVEAFGYLES
SRATGKVVVYPI
;
_entity_poly.pdbx_strand_id   A
#
# COMPACT_ATOMS: atom_id res chain seq x y z
N GLY A 12 -24.54 -3.98 -15.94
CA GLY A 12 -23.64 -5.02 -15.34
C GLY A 12 -24.23 -6.45 -15.41
N ALA A 13 -24.73 -6.87 -16.57
CA ALA A 13 -25.09 -8.30 -16.77
C ALA A 13 -23.84 -9.19 -16.66
N ALA A 14 -23.96 -10.43 -16.20
CA ALA A 14 -22.80 -11.37 -16.16
C ALA A 14 -22.06 -11.38 -17.50
N ALA A 15 -20.74 -11.58 -17.45
CA ALA A 15 -19.96 -11.79 -18.68
C ALA A 15 -20.31 -13.18 -19.20
N PRO A 16 -20.16 -13.40 -20.53
CA PRO A 16 -20.32 -14.80 -20.99
C PRO A 16 -19.25 -15.71 -20.29
N SER A 17 -19.63 -16.91 -19.82
CA SER A 17 -18.71 -17.70 -18.95
C SER A 17 -17.42 -18.13 -19.69
N GLU A 18 -17.57 -18.50 -20.97
CA GLU A 18 -16.40 -18.81 -21.79
C GLU A 18 -15.50 -17.59 -22.08
N SER A 19 -15.95 -16.36 -21.76
CA SER A 19 -15.08 -15.21 -21.93
C SER A 19 -14.07 -14.98 -20.83
N ILE A 20 -14.23 -15.68 -19.71
CA ILE A 20 -13.33 -15.58 -18.60
C ILE A 20 -12.34 -16.76 -18.68
N PRO A 21 -11.05 -16.51 -18.80
CA PRO A 21 -10.11 -17.65 -18.96
C PRO A 21 -9.90 -18.39 -17.62
N SER A 22 -9.47 -19.65 -17.73
N SER A 22 -9.47 -19.66 -17.80
CA SER A 22 -9.14 -20.41 -16.53
CA SER A 22 -9.09 -20.55 -16.69
C SER A 22 -7.63 -20.45 -16.26
C SER A 22 -7.64 -20.48 -16.29
N VAL A 23 -6.80 -20.01 -17.22
CA VAL A 23 -5.37 -19.85 -17.00
C VAL A 23 -4.99 -18.44 -17.51
N ASN A 24 -3.87 -17.94 -17.01
CA ASN A 24 -3.41 -16.59 -17.36
C ASN A 24 -1.95 -16.43 -17.03
N LYS A 25 -1.37 -15.32 -17.41
CA LYS A 25 0.04 -15.01 -17.11
CA LYS A 25 0.03 -14.98 -17.09
C LYS A 25 0.14 -14.41 -15.71
N ALA A 26 1.19 -14.79 -14.97
CA ALA A 26 1.44 -14.26 -13.65
C ALA A 26 2.89 -14.43 -13.27
N TRP A 27 3.29 -13.65 -12.27
CA TRP A 27 4.56 -13.86 -11.58
C TRP A 27 4.35 -14.73 -10.33
N VAL A 28 5.28 -15.67 -10.11
CA VAL A 28 5.10 -16.73 -9.11
C VAL A 28 6.43 -17.06 -8.45
N TYR A 29 6.40 -17.34 -7.15
CA TYR A 29 7.56 -18.01 -6.51
C TYR A 29 7.09 -19.29 -5.84
N SER A 30 7.92 -20.30 -5.90
CA SER A 30 7.63 -21.64 -5.41
CA SER A 30 7.59 -21.62 -5.35
C SER A 30 8.39 -21.97 -4.12
N GLU A 31 9.33 -21.11 -3.71
CA GLU A 31 10.10 -21.25 -2.45
C GLU A 31 10.43 -19.85 -2.01
N TYR A 32 10.66 -19.69 -0.71
CA TYR A 32 11.04 -18.38 -0.14
C TYR A 32 12.49 -18.02 -0.51
N GLY A 33 12.73 -16.72 -0.64
CA GLY A 33 14.03 -16.22 -0.93
C GLY A 33 13.96 -14.82 -1.47
N LYS A 34 15.10 -14.36 -1.98
CA LYS A 34 15.22 -13.03 -2.58
C LYS A 34 14.44 -13.00 -3.90
N THR A 35 13.79 -11.92 -4.23
CA THR A 35 13.06 -11.84 -5.47
C THR A 35 13.96 -12.06 -6.67
N SER A 36 15.19 -11.62 -6.65
CA SER A 36 16.11 -11.82 -7.76
C SER A 36 16.38 -13.31 -8.00
N ASP A 37 16.17 -14.14 -6.99
CA ASP A 37 16.38 -15.58 -7.12
C ASP A 37 15.11 -16.35 -7.40
N VAL A 38 14.03 -16.04 -6.70
CA VAL A 38 12.87 -16.94 -6.68
C VAL A 38 11.66 -16.50 -7.55
N LEU A 39 11.57 -15.23 -7.90
CA LEU A 39 10.40 -14.74 -8.63
C LEU A 39 10.54 -14.99 -10.11
N LYS A 40 9.60 -15.78 -10.63
CA LYS A 40 9.63 -16.23 -12.04
C LYS A 40 8.33 -15.89 -12.73
N PHE A 41 8.40 -15.71 -14.02
CA PHE A 41 7.23 -15.51 -14.84
C PHE A 41 6.70 -16.87 -15.28
N ASP A 42 5.39 -17.03 -15.15
CA ASP A 42 4.71 -18.27 -15.56
C ASP A 42 3.61 -17.86 -16.57
N PRO A 43 3.71 -18.35 -17.81
CA PRO A 43 2.74 -17.97 -18.82
C PRO A 43 1.36 -18.58 -18.67
N SER A 44 1.20 -19.57 -17.78
CA SER A 44 -0.05 -20.35 -17.72
CA SER A 44 -0.07 -20.30 -17.72
C SER A 44 -0.29 -20.80 -16.29
N VAL A 45 -0.70 -19.86 -15.43
N VAL A 45 -0.77 -19.94 -15.44
CA VAL A 45 -1.05 -20.03 -13.98
CA VAL A 45 -1.15 -20.39 -14.12
C VAL A 45 -2.58 -20.03 -13.89
C VAL A 45 -2.65 -20.22 -14.03
N ALA A 46 -3.18 -20.86 -13.02
CA ALA A 46 -4.65 -20.83 -12.83
C ALA A 46 -5.14 -19.45 -12.43
N VAL A 47 -6.27 -19.10 -13.05
CA VAL A 47 -7.08 -17.97 -12.59
C VAL A 47 -7.83 -18.45 -11.29
N PRO A 48 -7.81 -17.65 -10.24
CA PRO A 48 -8.52 -18.11 -9.03
C PRO A 48 -10.04 -18.18 -9.26
N GLU A 49 -10.67 -19.16 -8.64
CA GLU A 49 -12.12 -19.26 -8.56
C GLU A 49 -12.57 -18.34 -7.44
N ILE A 50 -13.63 -17.60 -7.60
CA ILE A 50 -14.12 -16.65 -6.58
C ILE A 50 -15.01 -17.36 -5.59
N LYS A 51 -14.89 -16.89 -4.34
CA LYS A 51 -15.88 -17.17 -3.32
C LYS A 51 -17.11 -16.29 -3.46
N GLU A 52 -18.13 -16.59 -2.69
CA GLU A 52 -19.44 -15.96 -2.89
C GLU A 52 -19.44 -14.47 -2.54
N ASP A 53 -18.50 -14.04 -1.69
CA ASP A 53 -18.35 -12.63 -1.28
C ASP A 53 -17.21 -11.93 -1.96
N GLN A 54 -16.74 -12.48 -3.09
CA GLN A 54 -15.64 -11.96 -3.89
C GLN A 54 -16.14 -11.59 -5.30
N VAL A 55 -15.24 -10.83 -5.93
CA VAL A 55 -15.39 -10.51 -7.37
C VAL A 55 -14.09 -10.93 -8.05
N LEU A 56 -14.21 -11.24 -9.36
CA LEU A 56 -13.02 -11.40 -10.24
C LEU A 56 -12.76 -10.10 -10.97
N ILE A 57 -11.52 -9.69 -10.92
CA ILE A 57 -11.04 -8.44 -11.52
C ILE A 57 -10.09 -8.74 -12.67
N LYS A 58 -10.31 -8.14 -13.83
CA LYS A 58 -9.30 -8.04 -14.87
C LYS A 58 -8.35 -6.93 -14.41
N VAL A 59 -7.15 -7.32 -14.03
CA VAL A 59 -6.12 -6.40 -13.53
C VAL A 59 -5.69 -5.47 -14.62
N VAL A 60 -5.63 -4.17 -14.33
CA VAL A 60 -5.03 -3.19 -15.22
C VAL A 60 -3.64 -2.76 -14.73
N ALA A 61 -3.54 -2.50 -13.43
CA ALA A 61 -2.28 -2.10 -12.78
C ALA A 61 -2.22 -2.66 -11.40
N ALA A 62 -0.97 -2.77 -10.88
CA ALA A 62 -0.72 -3.29 -9.53
C ALA A 62 0.42 -2.46 -8.94
N SER A 63 0.42 -2.25 -7.65
CA SER A 63 1.56 -1.63 -6.96
C SER A 63 2.31 -2.68 -6.18
N LEU A 64 3.59 -2.40 -5.97
CA LEU A 64 4.44 -3.18 -5.07
C LEU A 64 4.52 -2.50 -3.70
N ASN A 65 4.66 -3.30 -2.68
CA ASN A 65 4.80 -2.84 -1.29
C ASN A 65 5.93 -3.64 -0.67
N PRO A 66 6.62 -3.10 0.32
CA PRO A 66 7.68 -3.89 0.98
C PRO A 66 7.17 -5.22 1.53
N VAL A 67 5.94 -5.27 2.02
CA VAL A 67 5.40 -6.54 2.51
C VAL A 67 5.53 -7.66 1.46
N ASP A 68 5.41 -7.30 0.19
CA ASP A 68 5.56 -8.33 -0.84
C ASP A 68 6.91 -9.03 -0.75
N PHE A 69 8.00 -8.28 -0.66
CA PHE A 69 9.34 -8.90 -0.63
C PHE A 69 9.65 -9.55 0.72
N LYS A 70 9.15 -8.95 1.81
CA LYS A 70 9.36 -9.50 3.16
C LYS A 70 8.63 -10.86 3.26
N ARG A 71 7.40 -10.90 2.73
CA ARG A 71 6.63 -12.14 2.66
C ARG A 71 7.39 -13.19 1.81
N ALA A 72 7.94 -12.77 0.67
CA ALA A 72 8.62 -13.73 -0.22
C ALA A 72 9.92 -14.23 0.39
N LEU A 73 10.54 -13.46 1.29
CA LEU A 73 11.69 -13.94 2.08
C LEU A 73 11.33 -14.97 3.14
N GLY A 74 10.02 -15.16 3.37
CA GLY A 74 9.55 -16.09 4.42
C GLY A 74 9.35 -15.53 5.78
N TYR A 75 9.35 -14.24 5.93
N TYR A 75 9.36 -14.21 5.92
CA TYR A 75 9.32 -13.68 7.28
CA TYR A 75 9.24 -13.53 7.28
C TYR A 75 7.97 -13.86 8.00
C TYR A 75 8.01 -14.05 8.01
N PHE A 76 6.92 -14.21 7.27
CA PHE A 76 5.58 -14.39 7.83
C PHE A 76 5.15 -15.83 7.55
N LYS A 77 6.06 -16.79 7.38
CA LYS A 77 5.69 -18.12 6.95
C LYS A 77 4.68 -18.84 7.81
N ASP A 78 4.70 -18.58 9.13
CA ASP A 78 3.85 -19.32 10.05
C ASP A 78 2.36 -19.06 9.89
N THR A 79 2.03 -17.95 9.30
CA THR A 79 0.62 -17.63 9.03
C THR A 79 0.35 -17.30 7.55
N ASP A 80 1.28 -17.66 6.68
CA ASP A 80 1.12 -17.44 5.24
C ASP A 80 0.18 -18.49 4.64
N SER A 81 -0.22 -18.21 3.41
CA SER A 81 -0.92 -19.21 2.60
C SER A 81 0.06 -20.17 1.96
N PRO A 82 -0.39 -21.30 1.42
CA PRO A 82 0.56 -22.28 0.86
C PRO A 82 1.22 -21.76 -0.40
N LEU A 83 2.50 -22.06 -0.54
CA LEU A 83 3.23 -21.83 -1.78
C LEU A 83 2.75 -22.85 -2.82
N PRO A 84 2.99 -22.56 -4.11
CA PRO A 84 3.46 -21.32 -4.69
C PRO A 84 2.59 -20.11 -4.48
N THR A 85 3.19 -18.93 -4.54
CA THR A 85 2.51 -17.67 -4.36
C THR A 85 2.63 -16.78 -5.58
N ILE A 86 1.52 -16.13 -5.99
CA ILE A 86 1.52 -15.05 -6.95
CA ILE A 86 1.54 -15.04 -6.95
C ILE A 86 1.46 -13.78 -6.10
N PRO A 87 2.53 -12.95 -6.04
CA PRO A 87 2.53 -11.78 -5.17
C PRO A 87 1.66 -10.64 -5.70
N GLY A 88 1.56 -9.60 -4.88
CA GLY A 88 0.98 -8.30 -5.19
C GLY A 88 -0.30 -8.14 -4.38
N TYR A 89 -0.33 -7.10 -3.55
CA TYR A 89 -1.48 -6.76 -2.70
C TYR A 89 -2.38 -5.74 -3.37
N ASP A 90 -1.82 -4.68 -3.90
CA ASP A 90 -2.58 -3.56 -4.48
C ASP A 90 -3.02 -3.87 -5.89
N VAL A 91 -4.27 -3.55 -6.21
CA VAL A 91 -4.84 -3.77 -7.52
C VAL A 91 -5.72 -2.63 -7.93
N ALA A 92 -5.78 -2.35 -9.24
CA ALA A 92 -6.88 -1.54 -9.87
C ALA A 92 -7.26 -2.23 -11.15
N GLY A 93 -8.55 -2.32 -11.44
CA GLY A 93 -8.96 -2.99 -12.67
C GLY A 93 -10.45 -2.99 -12.81
N VAL A 94 -10.99 -3.91 -13.60
CA VAL A 94 -12.40 -3.91 -13.98
C VAL A 94 -13.02 -5.23 -13.55
N VAL A 95 -14.17 -5.14 -12.89
CA VAL A 95 -14.91 -6.35 -12.45
C VAL A 95 -15.39 -7.12 -13.67
N VAL A 96 -15.15 -8.42 -13.71
CA VAL A 96 -15.66 -9.31 -14.74
C VAL A 96 -16.63 -10.40 -14.25
N LYS A 97 -16.69 -10.62 -12.91
CA LYS A 97 -17.57 -11.65 -12.36
C LYS A 97 -17.82 -11.26 -10.90
N VAL A 98 -19.05 -11.49 -10.45
CA VAL A 98 -19.40 -11.22 -9.04
C VAL A 98 -19.97 -12.47 -8.42
N GLY A 99 -19.55 -12.69 -7.15
CA GLY A 99 -20.08 -13.79 -6.38
C GLY A 99 -21.51 -13.58 -5.99
N SER A 100 -22.19 -14.65 -5.61
CA SER A 100 -23.61 -14.62 -5.33
C SER A 100 -24.06 -13.82 -4.09
N GLN A 101 -23.09 -13.48 -3.21
CA GLN A 101 -23.43 -12.64 -2.06
C GLN A 101 -23.01 -11.19 -2.26
N VAL A 102 -22.39 -10.84 -3.38
CA VAL A 102 -21.92 -9.49 -3.61
C VAL A 102 -23.06 -8.55 -3.98
N THR A 103 -23.12 -7.40 -3.31
CA THR A 103 -24.14 -6.38 -3.56
C THR A 103 -23.59 -5.00 -3.97
N LYS A 104 -22.31 -4.75 -3.75
CA LYS A 104 -21.80 -3.39 -3.93
C LYS A 104 -21.21 -3.15 -5.31
N PHE A 105 -20.93 -4.22 -6.07
CA PHE A 105 -20.25 -4.12 -7.36
C PHE A 105 -21.00 -4.96 -8.35
N LYS A 106 -20.90 -4.53 -9.61
CA LYS A 106 -21.42 -5.25 -10.75
C LYS A 106 -20.31 -5.38 -11.82
N VAL A 107 -20.53 -6.32 -12.73
CA VAL A 107 -19.69 -6.46 -13.91
C VAL A 107 -19.55 -5.14 -14.62
N GLY A 108 -18.30 -4.80 -14.91
CA GLY A 108 -17.92 -3.58 -15.53
C GLY A 108 -17.47 -2.46 -14.63
N ASP A 109 -17.72 -2.56 -13.32
CA ASP A 109 -17.27 -1.52 -12.41
C ASP A 109 -15.76 -1.46 -12.41
N GLU A 110 -15.23 -0.25 -12.37
CA GLU A 110 -13.80 0.00 -12.17
C GLU A 110 -13.54 0.15 -10.68
N VAL A 111 -12.65 -0.68 -10.18
CA VAL A 111 -12.43 -0.85 -8.75
C VAL A 111 -10.96 -0.86 -8.39
N TYR A 112 -10.68 -0.66 -7.09
CA TYR A 112 -9.32 -0.73 -6.60
C TYR A 112 -9.34 -1.11 -5.14
N GLY A 113 -8.22 -1.65 -4.64
CA GLY A 113 -8.10 -1.98 -3.25
C GLY A 113 -6.88 -2.79 -2.99
N ASP A 114 -6.65 -3.07 -1.70
CA ASP A 114 -5.60 -3.98 -1.20
C ASP A 114 -6.26 -5.32 -0.89
N LEU A 115 -5.85 -6.33 -1.67
CA LEU A 115 -6.50 -7.62 -1.64
C LEU A 115 -6.67 -8.25 -0.26
N ASN A 116 -5.64 -8.07 0.63
CA ASN A 116 -5.57 -8.88 1.82
C ASN A 116 -6.07 -8.18 3.04
N GLU A 117 -7.18 -8.55 3.58
CA GLU A 117 -7.74 -7.91 4.75
C GLU A 117 -6.71 -7.87 5.85
N THR A 118 -6.06 -8.97 6.16
CA THR A 118 -5.02 -9.11 7.21
C THR A 118 -3.71 -9.43 6.55
N ALA A 119 -2.84 -8.46 6.33
CA ALA A 119 -1.66 -8.63 5.54
C ALA A 119 -0.82 -9.83 5.86
N LEU A 120 -0.68 -10.16 7.10
CA LEU A 120 0.24 -11.20 7.55
C LEU A 120 -0.45 -12.49 7.84
N VAL A 121 -1.78 -12.56 7.82
CA VAL A 121 -2.55 -13.79 8.16
C VAL A 121 -3.39 -14.19 6.98
N ASN A 122 -3.01 -15.33 6.40
CA ASN A 122 -3.67 -15.87 5.21
C ASN A 122 -3.86 -14.92 4.06
N PRO A 123 -2.82 -14.18 3.65
CA PRO A 123 -2.95 -13.42 2.38
C PRO A 123 -3.18 -14.43 1.24
N THR A 124 -3.81 -13.99 0.18
CA THR A 124 -4.21 -14.93 -0.87
C THR A 124 -3.03 -15.56 -1.57
N ARG A 125 -3.24 -16.77 -2.10
CA ARG A 125 -2.32 -17.41 -2.97
C ARG A 125 -2.23 -16.69 -4.31
N PHE A 126 -3.28 -15.98 -4.69
CA PHE A 126 -3.46 -15.47 -6.06
C PHE A 126 -3.52 -13.92 -6.01
N GLY A 127 -2.35 -13.29 -6.01
CA GLY A 127 -2.25 -11.87 -5.88
C GLY A 127 -2.51 -11.08 -7.17
N SER A 128 -2.10 -9.83 -7.14
CA SER A 128 -2.44 -8.88 -8.22
C SER A 128 -1.41 -8.85 -9.34
N LEU A 129 -0.28 -9.52 -9.24
CA LEU A 129 0.68 -9.58 -10.34
C LEU A 129 0.34 -10.74 -11.29
N ALA A 130 -0.84 -10.57 -11.90
CA ALA A 130 -1.50 -11.60 -12.71
C ALA A 130 -2.54 -10.85 -13.56
N GLU A 131 -2.98 -11.47 -14.66
CA GLU A 131 -3.98 -10.79 -15.51
C GLU A 131 -5.35 -10.70 -14.87
N TYR A 132 -5.69 -11.64 -13.99
CA TYR A 132 -6.96 -11.69 -13.27
C TYR A 132 -6.69 -12.02 -11.82
N THR A 133 -7.50 -11.50 -10.88
CA THR A 133 -7.40 -11.84 -9.47
C THR A 133 -8.78 -11.82 -8.83
N ALA A 134 -8.90 -12.53 -7.73
CA ALA A 134 -10.14 -12.57 -6.93
C ALA A 134 -9.98 -11.69 -5.70
N ALA A 135 -10.99 -10.84 -5.41
CA ALA A 135 -10.95 -9.90 -4.31
C ALA A 135 -12.22 -9.92 -3.52
N ASP A 136 -12.11 -9.86 -2.19
CA ASP A 136 -13.24 -9.69 -1.31
C ASP A 136 -13.94 -8.38 -1.66
N GLU A 137 -15.25 -8.40 -1.71
CA GLU A 137 -16.01 -7.17 -1.86
C GLU A 137 -15.56 -6.13 -0.81
N ARG A 138 -15.33 -6.59 0.42
CA ARG A 138 -15.06 -5.67 1.55
C ARG A 138 -13.79 -4.93 1.41
N VAL A 139 -12.81 -5.35 0.62
CA VAL A 139 -11.54 -4.60 0.46
C VAL A 139 -11.57 -3.60 -0.65
N LEU A 140 -12.61 -3.58 -1.48
CA LEU A 140 -12.63 -2.77 -2.68
C LEU A 140 -13.46 -1.51 -2.52
N ALA A 141 -13.09 -0.56 -3.39
CA ALA A 141 -13.84 0.68 -3.62
C ALA A 141 -13.94 0.99 -5.09
N HIS A 142 -14.92 1.80 -5.45
CA HIS A 142 -15.02 2.29 -6.83
C HIS A 142 -13.84 3.20 -7.13
N LYS A 143 -13.22 3.05 -8.28
CA LYS A 143 -12.14 3.93 -8.66
C LYS A 143 -12.65 5.34 -8.91
N PRO A 144 -12.05 6.37 -8.28
CA PRO A 144 -12.39 7.75 -8.67
C PRO A 144 -12.19 7.99 -10.15
N LYS A 145 -13.15 8.65 -10.78
CA LYS A 145 -13.11 8.80 -12.22
C LYS A 145 -11.94 9.64 -12.71
N ASN A 146 -11.44 10.52 -11.86
CA ASN A 146 -10.34 11.38 -12.23
C ASN A 146 -8.95 10.74 -12.10
N LEU A 147 -8.86 9.57 -11.49
CA LEU A 147 -7.58 8.89 -11.32
C LEU A 147 -7.38 7.86 -12.42
N SER A 148 -6.17 7.78 -12.94
CA SER A 148 -5.85 6.67 -13.85
C SER A 148 -5.79 5.36 -13.09
N PHE A 149 -5.76 4.23 -13.81
CA PHE A 149 -5.54 2.98 -13.18
C PHE A 149 -4.17 2.88 -12.52
N ILE A 150 -3.13 3.44 -13.11
CA ILE A 150 -1.82 3.48 -12.47
C ILE A 150 -1.93 4.25 -11.11
N GLU A 151 -2.54 5.42 -11.15
CA GLU A 151 -2.65 6.24 -9.92
C GLU A 151 -3.47 5.50 -8.85
N ALA A 152 -4.58 4.90 -9.25
CA ALA A 152 -5.41 4.20 -8.28
C ALA A 152 -4.71 3.00 -7.70
N ALA A 153 -4.02 2.20 -8.51
CA ALA A 153 -3.33 1.03 -8.01
C ALA A 153 -2.28 1.40 -6.98
N SER A 154 -1.70 2.59 -7.11
CA SER A 154 -0.63 3.06 -6.21
C SER A 154 -1.14 3.24 -4.77
N LEU A 155 -2.44 3.47 -4.60
CA LEU A 155 -2.98 4.00 -3.34
C LEU A 155 -3.22 3.03 -2.18
N PRO A 156 -3.88 1.88 -2.38
CA PRO A 156 -4.64 1.32 -1.21
C PRO A 156 -3.81 0.97 0.05
N LEU A 157 -2.84 0.05 -0.02
CA LEU A 157 -2.15 -0.36 1.17
C LEU A 157 -1.55 0.88 1.87
N ALA A 158 -0.87 1.69 1.09
CA ALA A 158 -0.18 2.85 1.68
C ALA A 158 -1.12 3.89 2.32
N ILE A 159 -2.17 4.27 1.56
CA ILE A 159 -3.05 5.30 2.06
C ILE A 159 -3.88 4.83 3.26
N GLU A 160 -4.24 3.54 3.22
CA GLU A 160 -4.97 2.99 4.35
C GLU A 160 -4.08 2.85 5.59
N THR A 161 -2.83 2.47 5.39
CA THR A 161 -1.89 2.40 6.54
C THR A 161 -1.71 3.79 7.09
N ALA A 162 -1.53 4.80 6.26
CA ALA A 162 -1.36 6.15 6.73
C ALA A 162 -2.60 6.57 7.52
N HIS A 163 -3.79 6.35 6.99
CA HIS A 163 -5.01 6.75 7.64
C HIS A 163 -5.20 6.06 9.01
N GLU A 164 -5.00 4.72 9.02
CA GLU A 164 -5.23 3.95 10.24
C GLU A 164 -4.26 4.37 11.34
N GLY A 165 -2.99 4.59 10.96
CA GLY A 165 -2.00 4.99 11.97
C GLY A 165 -2.34 6.32 12.58
N LEU A 166 -2.80 7.27 11.78
CA LEU A 166 -3.18 8.60 12.30
C LEU A 166 -4.41 8.49 13.17
N GLU A 167 -5.40 7.66 12.84
CA GLU A 167 -6.54 7.40 13.75
C GLU A 167 -6.14 6.75 15.04
N ARG A 168 -5.23 5.78 14.97
CA ARG A 168 -4.73 5.13 16.18
C ARG A 168 -3.96 6.12 17.10
N ALA A 169 -3.31 7.10 16.48
CA ALA A 169 -2.60 8.15 17.24
C ALA A 169 -3.54 9.22 17.67
N GLU A 170 -4.83 9.15 17.36
CA GLU A 170 -5.86 10.12 17.79
C GLU A 170 -5.56 11.50 17.22
N LEU A 171 -4.94 11.60 16.06
CA LEU A 171 -4.73 12.92 15.41
C LEU A 171 -6.09 13.55 15.15
N SER A 172 -6.15 14.87 15.43
CA SER A 172 -7.36 15.67 15.23
C SER A 172 -6.93 17.12 15.06
N ALA A 173 -7.87 17.97 14.74
CA ALA A 173 -7.59 19.30 14.32
C ALA A 173 -6.77 20.06 15.36
N GLY A 174 -5.78 20.75 14.82
CA GLY A 174 -4.91 21.66 15.61
C GLY A 174 -3.67 21.02 16.16
N LYS A 175 -3.57 19.72 16.16
CA LYS A 175 -2.44 19.00 16.75
C LYS A 175 -1.25 18.99 15.81
N SER A 176 -0.05 18.77 16.35
CA SER A 176 1.17 18.62 15.54
C SER A 176 1.56 17.22 15.34
N VAL A 177 2.20 16.92 14.22
N VAL A 177 2.20 16.94 14.21
CA VAL A 177 2.67 15.57 13.96
CA VAL A 177 2.58 15.57 13.79
C VAL A 177 4.03 15.57 13.27
C VAL A 177 4.03 15.58 13.26
N LEU A 178 4.83 14.60 13.67
CA LEU A 178 6.13 14.35 13.07
C LEU A 178 6.06 12.98 12.38
N VAL A 179 6.46 12.94 11.11
CA VAL A 179 6.48 11.74 10.27
C VAL A 179 7.91 11.35 10.02
N LEU A 180 8.31 10.15 10.45
CA LEU A 180 9.68 9.62 10.15
C LEU A 180 9.61 8.78 8.90
N GLY A 181 10.22 9.23 7.81
CA GLY A 181 10.09 8.57 6.50
C GLY A 181 9.06 9.20 5.62
N GLY A 182 9.12 10.49 5.36
CA GLY A 182 8.11 11.18 4.65
C GLY A 182 8.02 10.94 3.17
N ALA A 183 9.07 10.41 2.53
CA ALA A 183 9.12 10.37 1.06
C ALA A 183 8.75 9.00 0.46
N GLY A 184 8.41 7.99 1.28
CA GLY A 184 8.05 6.71 0.72
C GLY A 184 6.61 6.55 0.40
N GLY A 185 6.29 5.31 0.10
CA GLY A 185 4.89 5.01 -0.27
C GLY A 185 3.90 5.36 0.78
N VAL A 186 4.19 5.03 2.02
CA VAL A 186 3.30 5.37 3.14
C VAL A 186 3.46 6.83 3.59
N GLY A 187 4.71 7.24 3.79
CA GLY A 187 4.97 8.55 4.36
C GLY A 187 4.39 9.68 3.56
N THR A 188 4.40 9.60 2.23
CA THR A 188 3.82 10.63 1.41
C THR A 188 2.32 10.82 1.67
N HIS A 189 1.62 9.73 2.01
CA HIS A 189 0.24 9.83 2.43
C HIS A 189 0.05 10.23 3.86
N ILE A 190 0.92 9.81 4.77
CA ILE A 190 0.83 10.33 6.14
C ILE A 190 0.83 11.86 6.10
N ILE A 191 1.77 12.45 5.37
CA ILE A 191 1.88 13.92 5.32
C ILE A 191 0.57 14.50 4.80
N GLN A 192 0.10 14.03 3.63
CA GLN A 192 -1.06 14.62 3.00
C GLN A 192 -2.32 14.47 3.85
N LEU A 193 -2.51 13.26 4.38
CA LEU A 193 -3.70 13.02 5.24
C LEU A 193 -3.62 13.86 6.50
N ALA A 194 -2.45 13.91 7.11
CA ALA A 194 -2.36 14.68 8.36
C ALA A 194 -2.77 16.12 8.13
N LYS A 195 -2.32 16.75 7.04
CA LYS A 195 -2.59 18.13 6.78
C LYS A 195 -4.01 18.31 6.31
N HIS A 196 -4.48 17.53 5.33
CA HIS A 196 -5.64 17.89 4.56
C HIS A 196 -6.90 17.14 5.00
N VAL A 197 -6.76 16.04 5.75
CA VAL A 197 -7.86 15.21 6.24
C VAL A 197 -8.06 15.32 7.80
N PHE A 198 -6.96 15.34 8.54
CA PHE A 198 -6.97 15.37 10.03
C PHE A 198 -6.75 16.74 10.57
N GLY A 199 -6.52 17.75 9.76
CA GLY A 199 -6.46 19.14 10.21
C GLY A 199 -5.28 19.47 11.10
N ALA A 200 -4.15 18.79 10.94
CA ALA A 200 -2.95 19.08 11.78
C ALA A 200 -2.55 20.53 11.59
N SER A 201 -2.18 21.20 12.67
CA SER A 201 -1.62 22.55 12.60
C SER A 201 -0.21 22.62 12.08
N LYS A 202 0.57 21.59 12.35
CA LYS A 202 1.97 21.56 11.92
C LYS A 202 2.32 20.14 11.59
N VAL A 203 2.88 19.93 10.43
CA VAL A 203 3.38 18.66 10.00
C VAL A 203 4.88 18.75 9.73
N ALA A 204 5.67 17.95 10.45
CA ALA A 204 7.13 17.86 10.25
C ALA A 204 7.40 16.46 9.71
N ALA A 205 8.43 16.31 8.88
CA ALA A 205 8.77 15.02 8.29
C ALA A 205 10.24 14.93 7.99
N THR A 206 10.77 13.72 8.07
CA THR A 206 12.16 13.46 7.75
C THR A 206 12.35 12.79 6.40
N ALA A 207 13.42 13.17 5.73
CA ALA A 207 13.91 12.55 4.48
C ALA A 207 15.33 13.01 4.25
N SER A 208 15.97 12.48 3.24
CA SER A 208 17.30 12.91 2.85
C SER A 208 17.26 14.17 1.97
N THR A 209 18.44 14.71 1.74
CA THR A 209 18.61 16.05 1.24
C THR A 209 17.78 16.47 0.02
N LYS A 210 17.76 15.61 -1.00
CA LYS A 210 17.13 15.97 -2.25
C LYS A 210 15.62 15.85 -2.23
N LYS A 211 15.08 15.30 -1.14
CA LYS A 211 13.66 15.00 -1.03
C LYS A 211 12.85 15.97 -0.19
N LEU A 212 13.53 16.99 0.34
CA LEU A 212 12.85 17.95 1.24
C LEU A 212 11.80 18.79 0.54
N ASP A 213 12.06 19.22 -0.69
CA ASP A 213 11.08 20.05 -1.40
C ASP A 213 9.79 19.25 -1.66
N LEU A 214 9.92 17.99 -1.99
CA LEU A 214 8.72 17.13 -2.11
C LEU A 214 7.89 17.07 -0.84
N LEU A 215 8.54 16.90 0.31
CA LEU A 215 7.81 16.87 1.56
C LEU A 215 7.01 18.15 1.76
N ARG A 216 7.64 19.28 1.45
CA ARG A 216 6.95 20.57 1.60
C ARG A 216 5.77 20.70 0.64
N THR A 217 5.96 20.25 -0.60
CA THR A 217 4.87 20.29 -1.59
C THR A 217 3.66 19.43 -1.15
N LEU A 218 3.91 18.33 -0.46
CA LEU A 218 2.83 17.46 -0.01
C LEU A 218 2.08 17.94 1.22
N GLY A 219 2.64 18.97 1.93
CA GLY A 219 2.01 19.55 3.10
C GLY A 219 2.85 19.64 4.35
N ALA A 220 4.13 19.22 4.32
CA ALA A 220 4.99 19.41 5.48
C ALA A 220 5.38 20.89 5.65
N ASP A 221 5.15 21.37 6.87
CA ASP A 221 5.57 22.70 7.26
C ASP A 221 7.04 22.77 7.61
N LEU A 222 7.60 21.61 7.99
CA LEU A 222 9.00 21.51 8.39
C LEU A 222 9.55 20.19 7.82
N ALA A 223 10.53 20.29 6.95
CA ALA A 223 11.21 19.19 6.35
C ALA A 223 12.59 19.10 6.97
N ILE A 224 12.88 17.95 7.55
CA ILE A 224 14.09 17.71 8.34
C ILE A 224 15.00 16.71 7.61
N ASP A 225 16.22 17.12 7.31
CA ASP A 225 17.20 16.29 6.63
C ASP A 225 17.87 15.38 7.61
N TYR A 226 17.46 14.12 7.65
CA TYR A 226 18.01 13.14 8.64
C TYR A 226 19.47 12.85 8.45
N THR A 227 20.00 13.19 7.28
CA THR A 227 21.43 13.03 7.05
C THR A 227 22.26 14.20 7.63
N LYS A 228 21.60 15.30 8.03
CA LYS A 228 22.31 16.46 8.60
C LYS A 228 21.94 16.74 10.07
N GLU A 229 20.81 16.22 10.53
CA GLU A 229 20.41 16.47 11.89
C GLU A 229 19.52 15.38 12.46
N ASN A 230 19.48 15.28 13.76
CA ASN A 230 18.77 14.27 14.52
C ASN A 230 17.49 14.87 15.09
N PHE A 231 16.36 14.43 14.56
CA PHE A 231 15.05 15.00 14.93
C PHE A 231 14.81 14.93 16.41
N GLU A 232 15.31 13.89 17.07
CA GLU A 232 15.01 13.66 18.48
C GLU A 232 15.74 14.64 19.38
N ASP A 233 16.78 15.30 18.84
CA ASP A 233 17.51 16.31 19.60
C ASP A 233 16.96 17.73 19.43
N LEU A 234 15.95 17.91 18.58
CA LEU A 234 15.26 19.20 18.42
C LEU A 234 14.49 19.46 19.74
N PRO A 235 14.39 20.72 20.15
CA PRO A 235 13.63 20.98 21.35
C PRO A 235 12.11 20.87 21.11
N GLU A 236 11.71 21.05 19.87
CA GLU A 236 10.32 20.86 19.51
C GLU A 236 9.86 19.41 19.70
N LYS A 237 8.74 19.24 20.41
CA LYS A 237 8.09 17.95 20.62
C LYS A 237 6.66 18.00 20.04
N PHE A 238 6.16 16.84 19.65
CA PHE A 238 4.96 16.75 18.82
C PHE A 238 3.86 16.00 19.52
N ASP A 239 2.59 16.30 19.18
CA ASP A 239 1.47 15.56 19.76
C ASP A 239 1.40 14.11 19.27
N VAL A 240 1.83 13.91 18.02
CA VAL A 240 1.84 12.62 17.39
C VAL A 240 3.19 12.42 16.71
N VAL A 241 3.76 11.24 16.88
CA VAL A 241 4.90 10.81 16.07
C VAL A 241 4.54 9.53 15.36
N TYR A 242 4.64 9.54 14.03
CA TYR A 242 4.31 8.37 13.20
C TYR A 242 5.59 7.93 12.53
N ASP A 243 6.13 6.80 13.03
CA ASP A 243 7.34 6.19 12.52
C ASP A 243 7.04 5.23 11.37
N ALA A 244 7.55 5.54 10.18
CA ALA A 244 7.43 4.66 8.99
C ALA A 244 8.78 4.14 8.58
N VAL A 245 9.80 4.16 9.46
CA VAL A 245 11.13 3.69 9.19
C VAL A 245 11.49 2.51 10.09
N GLY A 246 11.25 2.60 11.38
CA GLY A 246 11.69 1.61 12.35
C GLY A 246 12.70 2.22 13.28
N GLU A 247 12.32 3.25 14.02
N GLU A 247 12.30 3.27 13.98
CA GLU A 247 13.25 3.89 14.96
CA GLU A 247 13.21 4.05 14.83
C GLU A 247 12.45 4.50 16.05
C GLU A 247 12.44 4.55 16.04
N THR A 248 11.71 3.62 16.69
CA THR A 248 10.87 3.99 17.81
C THR A 248 11.68 4.38 19.03
N ASP A 249 12.89 3.87 19.16
CA ASP A 249 13.76 4.30 20.25
C ASP A 249 14.00 5.79 20.27
N LYS A 250 14.17 6.37 19.10
CA LYS A 250 14.27 7.79 18.92
C LYS A 250 12.89 8.48 18.87
N ALA A 251 11.90 7.83 18.26
CA ALA A 251 10.60 8.48 18.13
C ALA A 251 10.01 8.86 19.45
N VAL A 252 10.17 7.98 20.45
CA VAL A 252 9.62 8.25 21.77
C VAL A 252 10.22 9.45 22.45
N LYS A 253 11.37 9.91 21.99
CA LYS A 253 12.05 11.09 22.53
C LYS A 253 11.55 12.38 21.89
N ALA A 254 10.68 12.28 20.88
CA ALA A 254 10.20 13.46 20.14
C ALA A 254 8.72 13.79 20.45
N VAL A 255 8.10 13.00 21.29
CA VAL A 255 6.65 13.15 21.59
C VAL A 255 6.46 13.98 22.87
N LYS A 256 5.41 14.80 22.87
CA LYS A 256 4.96 15.50 24.06
C LYS A 256 4.42 14.51 25.09
N GLU A 257 4.55 14.85 26.36
CA GLU A 257 3.89 14.08 27.41
C GLU A 257 2.42 13.97 27.15
N GLY A 258 1.89 12.78 27.18
CA GLY A 258 0.52 12.52 26.85
C GLY A 258 0.18 12.42 25.39
N GLY A 259 1.17 12.55 24.50
CA GLY A 259 0.97 12.38 23.07
C GLY A 259 1.05 10.89 22.70
N LYS A 260 1.08 10.64 21.42
CA LYS A 260 1.00 9.23 20.98
C LYS A 260 2.05 9.01 19.90
N VAL A 261 2.70 7.83 20.01
CA VAL A 261 3.67 7.36 19.00
C VAL A 261 3.15 6.05 18.40
N VAL A 262 3.09 5.99 17.08
CA VAL A 262 2.73 4.75 16.37
C VAL A 262 3.85 4.45 15.43
N THR A 263 4.05 3.17 15.18
CA THR A 263 4.98 2.70 14.18
C THR A 263 4.37 1.59 13.36
N ILE A 264 4.89 1.46 12.16
CA ILE A 264 4.55 0.32 11.24
C ILE A 264 5.69 -0.61 11.02
N VAL A 265 6.83 -0.40 11.71
CA VAL A 265 8.00 -1.25 11.63
C VAL A 265 8.41 -1.58 13.07
N GLY A 266 8.27 -2.83 13.47
CA GLY A 266 8.60 -3.18 14.89
C GLY A 266 10.04 -3.58 15.04
N PRO A 267 10.43 -3.94 16.27
CA PRO A 267 9.60 -3.91 17.47
C PRO A 267 9.50 -2.54 18.04
N ALA A 268 8.33 -2.24 18.63
CA ALA A 268 7.98 -1.00 19.21
C ALA A 268 8.40 -0.84 20.65
N THR A 269 9.21 0.20 20.87
CA THR A 269 9.63 0.52 22.23
C THR A 269 8.49 1.25 22.95
N PRO A 270 7.94 0.71 24.03
CA PRO A 270 6.87 1.43 24.73
C PRO A 270 7.36 2.83 25.12
N PRO A 271 6.51 3.85 24.98
CA PRO A 271 5.07 3.77 24.81
C PRO A 271 4.61 3.73 23.34
N ALA A 272 5.50 3.62 22.38
CA ALA A 272 5.06 3.46 20.99
C ALA A 272 4.36 2.12 20.87
N ILE A 273 3.41 2.09 19.96
CA ILE A 273 2.72 0.86 19.57
C ILE A 273 3.01 0.57 18.10
N LEU A 274 3.11 -0.70 17.80
CA LEU A 274 3.11 -1.27 16.44
C LEU A 274 1.73 -1.79 16.10
N PHE A 275 1.30 -1.52 14.87
CA PHE A 275 0.09 -2.12 14.34
C PHE A 275 0.38 -2.60 12.94
N VAL A 276 -0.50 -3.45 12.42
CA VAL A 276 -0.55 -3.83 11.02
C VAL A 276 -1.93 -3.44 10.53
N LEU A 277 -2.01 -2.75 9.36
CA LEU A 277 -3.28 -2.24 8.86
C LEU A 277 -4.28 -3.37 8.67
N THR A 278 -5.54 -2.98 8.69
CA THR A 278 -6.64 -3.83 8.20
C THR A 278 -7.09 -3.20 6.90
N SER A 279 -7.08 -3.94 5.80
CA SER A 279 -7.55 -3.46 4.50
C SER A 279 -9.07 -3.43 4.42
N LYS A 280 -9.58 -2.25 4.10
CA LYS A 280 -11.04 -1.97 4.07
C LYS A 280 -11.34 -1.00 2.92
N GLY A 281 -12.21 -1.41 1.99
CA GLY A 281 -12.69 -0.50 0.97
C GLY A 281 -13.41 0.69 1.52
N SER A 282 -14.03 0.58 2.68
CA SER A 282 -14.73 1.71 3.28
C SER A 282 -13.79 2.88 3.57
N VAL A 283 -12.54 2.61 3.85
CA VAL A 283 -11.57 3.70 4.08
C VAL A 283 -11.34 4.47 2.77
N LEU A 284 -11.20 3.74 1.68
CA LEU A 284 -11.06 4.39 0.36
C LEU A 284 -12.30 5.20 0.02
N GLU A 285 -13.49 4.68 0.33
CA GLU A 285 -14.70 5.43 0.06
C GLU A 285 -14.77 6.71 0.90
N LYS A 286 -14.31 6.66 2.14
CA LYS A 286 -14.28 7.85 2.99
C LYS A 286 -13.35 8.90 2.40
N LEU A 287 -12.25 8.46 1.81
CA LEU A 287 -11.24 9.38 1.25
C LEU A 287 -11.61 9.83 -0.16
N LYS A 288 -12.64 9.26 -0.82
CA LYS A 288 -12.95 9.58 -2.20
C LYS A 288 -13.03 11.10 -2.47
N PRO A 289 -13.71 11.90 -1.62
CA PRO A 289 -13.87 13.29 -2.00
C PRO A 289 -12.51 14.04 -2.09
N TYR A 290 -11.57 13.65 -1.27
CA TYR A 290 -10.20 14.26 -1.26
C TYR A 290 -9.44 13.84 -2.48
N LEU A 291 -9.66 12.60 -2.93
CA LEU A 291 -9.01 12.13 -4.14
C LEU A 291 -9.62 12.77 -5.40
N GLU A 292 -10.94 12.99 -5.43
CA GLU A 292 -11.61 13.62 -6.57
C GLU A 292 -11.28 15.09 -6.67
N SER A 293 -11.11 15.77 -5.54
CA SER A 293 -10.79 17.21 -5.56
C SER A 293 -9.30 17.50 -5.82
N GLY A 294 -8.48 16.48 -5.61
CA GLY A 294 -7.03 16.62 -5.71
C GLY A 294 -6.37 17.15 -4.47
N LYS A 295 -7.11 17.28 -3.38
CA LYS A 295 -6.52 17.70 -2.10
C LYS A 295 -5.51 16.67 -1.59
N VAL A 296 -5.79 15.41 -1.85
CA VAL A 296 -4.85 14.29 -1.60
C VAL A 296 -4.57 13.65 -2.95
N LYS A 297 -3.29 13.55 -3.30
CA LYS A 297 -2.85 13.08 -4.62
C LYS A 297 -2.09 11.76 -4.54
N PRO A 298 -2.17 10.92 -5.58
CA PRO A 298 -1.23 9.84 -5.71
C PRO A 298 0.20 10.41 -5.90
N VAL A 299 1.18 9.64 -5.42
CA VAL A 299 2.58 9.97 -5.59
C VAL A 299 3.27 8.79 -6.20
N LEU A 300 3.77 8.96 -7.43
CA LEU A 300 4.41 7.91 -8.19
CA LEU A 300 4.41 7.89 -8.16
C LEU A 300 5.92 8.13 -8.26
N ASP A 301 6.73 7.10 -8.04
CA ASP A 301 8.14 7.21 -8.29
C ASP A 301 8.37 7.55 -9.77
N PRO A 302 9.40 8.33 -10.08
CA PRO A 302 9.64 8.66 -11.52
C PRO A 302 9.91 7.45 -12.40
N THR A 303 10.35 6.35 -11.84
CA THR A 303 10.56 5.10 -12.64
C THR A 303 9.27 4.36 -12.93
N SER A 304 8.17 4.70 -12.26
CA SER A 304 6.89 4.07 -12.58
C SER A 304 6.33 4.63 -13.88
N PRO A 305 5.56 3.84 -14.64
CA PRO A 305 5.28 2.43 -14.41
C PRO A 305 6.35 1.50 -15.00
N TYR A 306 6.45 0.32 -14.40
CA TYR A 306 7.26 -0.73 -14.94
C TYR A 306 6.36 -1.66 -15.76
N PRO A 307 6.80 -2.05 -16.95
CA PRO A 307 6.02 -3.07 -17.69
C PRO A 307 5.95 -4.40 -16.94
N PHE A 308 4.95 -5.21 -17.30
CA PHE A 308 4.76 -6.51 -16.64
C PHE A 308 5.94 -7.44 -16.89
N THR A 309 6.75 -7.21 -17.93
CA THR A 309 7.96 -7.95 -18.11
C THR A 309 9.10 -7.62 -17.13
N LYS A 310 8.97 -6.52 -16.43
CA LYS A 310 10.05 -5.96 -15.64
C LYS A 310 9.76 -5.97 -14.16
N VAL A 311 8.96 -6.94 -13.70
CA VAL A 311 8.61 -7.04 -12.29
C VAL A 311 9.83 -7.33 -11.43
N VAL A 312 10.79 -8.15 -11.87
CA VAL A 312 11.98 -8.38 -11.05
C VAL A 312 12.72 -7.06 -10.80
N GLU A 313 12.88 -6.28 -11.85
CA GLU A 313 13.56 -4.99 -11.74
C GLU A 313 12.80 -4.05 -10.84
N ALA A 314 11.49 -4.04 -10.94
CA ALA A 314 10.65 -3.17 -10.08
C ALA A 314 10.90 -3.55 -8.63
N PHE A 315 10.92 -4.84 -8.30
CA PHE A 315 11.24 -5.26 -6.92
C PHE A 315 12.65 -4.86 -6.52
N GLY A 316 13.64 -5.01 -7.39
CA GLY A 316 14.98 -4.63 -7.06
C GLY A 316 15.07 -3.17 -6.68
N TYR A 317 14.35 -2.32 -7.40
CA TYR A 317 14.33 -0.87 -7.12
C TYR A 317 13.62 -0.64 -5.77
N LEU A 318 12.46 -1.21 -5.53
CA LEU A 318 11.80 -1.06 -4.22
C LEU A 318 12.70 -1.54 -3.09
N GLU A 319 13.40 -2.65 -3.26
CA GLU A 319 14.24 -3.22 -2.22
C GLU A 319 15.43 -2.31 -1.87
N SER A 320 15.73 -1.31 -2.73
CA SER A 320 16.84 -0.38 -2.45
C SER A 320 16.50 0.57 -1.31
N SER A 321 15.24 0.70 -0.93
CA SER A 321 14.75 1.59 0.17
C SER A 321 14.74 3.04 -0.23
N ARG A 322 14.94 3.33 -1.50
CA ARG A 322 15.01 4.72 -2.00
C ARG A 322 13.77 5.22 -2.76
N ALA A 323 12.74 4.40 -2.91
CA ALA A 323 11.57 4.80 -3.72
C ALA A 323 11.01 6.13 -3.17
N THR A 324 10.58 7.00 -4.06
CA THR A 324 9.85 8.21 -3.76
C THR A 324 8.42 7.94 -4.15
N GLY A 325 7.49 7.85 -3.23
CA GLY A 325 6.16 7.35 -3.56
C GLY A 325 6.17 5.97 -4.08
N LYS A 326 5.29 5.67 -5.03
CA LYS A 326 4.98 4.28 -5.35
C LYS A 326 5.58 3.71 -6.64
N VAL A 327 5.90 2.44 -6.57
CA VAL A 327 6.35 1.59 -7.69
C VAL A 327 5.12 0.83 -8.17
N VAL A 328 4.71 1.13 -9.43
CA VAL A 328 3.52 0.54 -10.06
C VAL A 328 3.92 -0.17 -11.36
N VAL A 329 3.24 -1.31 -11.54
CA VAL A 329 3.41 -2.20 -12.70
C VAL A 329 2.20 -1.99 -13.62
N TYR A 330 2.49 -1.63 -14.86
CA TYR A 330 1.43 -1.37 -15.89
C TYR A 330 2.13 -1.31 -17.22
N PRO A 331 1.53 -1.81 -18.32
CA PRO A 331 0.26 -2.52 -18.35
C PRO A 331 0.34 -3.98 -17.99
N ILE A 332 -0.62 -4.49 -17.27
CA ILE A 332 -0.74 -5.92 -17.01
C ILE A 332 -1.78 -6.55 -17.95
#